data_1HKD
#
_entry.id   1HKD
#
_cell.length_a   50.793
_cell.length_b   61.235
_cell.length_c   136.005
_cell.angle_alpha   90.00
_cell.angle_beta   90.00
_cell.angle_gamma   90.00
#
_symmetry.space_group_name_H-M   'P 21 21 21'
#
loop_
_entity.id
_entity.type
_entity.pdbx_description
1 polymer 'PEA LECTIN ALPHA CHAIN'
2 polymer 'PEA LECTIN BETA CHAIN'
3 non-polymer 'CALCIUM ION'
4 non-polymer 'MANGANESE (II) ION'
5 non-polymer 'methyl alpha-D-glucopyranoside'
6 water water
#
loop_
_entity_poly.entity_id
_entity_poly.type
_entity_poly.pdbx_seq_one_letter_code
_entity_poly.pdbx_strand_id
1 'polypeptide(L)'
;TETTSFLITKFSPDQQNLIFQGDGYTTKEKLTLTKAVKNTVGRALYSSPIHIWDRETGNVANFVTSFTFVINAPNSYNVA
DGFTFFIAPVDTKPQTGGGYLGVFNSAEYDKTTQTVAVEFDTFYNAAWDPSNRDRHIGIDVNSIKSVNTKSWKLQNGEEA
NVVIAFNAATNVLTVSLTYPN
;
A,C
2 'polypeptide(L)' VTSYTLSDVVSLKDVVPEWVRIGFSATTGAEYAAHEVLSWSFHSELSGTSSS B,D
#
# COMPACT_ATOMS: atom_id res chain seq x y z
N THR A 1 -11.49 -0.44 12.00
CA THR A 1 -10.04 -0.11 12.12
C THR A 1 -9.36 -0.32 10.78
N GLU A 2 -8.52 0.64 10.40
CA GLU A 2 -7.74 0.55 9.16
C GLU A 2 -6.34 1.04 9.46
N THR A 3 -5.35 0.20 9.14
CA THR A 3 -3.95 0.58 9.30
C THR A 3 -3.19 0.30 8.00
N THR A 4 -2.19 1.13 7.74
CA THR A 4 -1.33 0.97 6.59
C THR A 4 0.11 1.19 7.05
N SER A 5 0.98 0.25 6.71
CA SER A 5 2.40 0.37 7.04
C SER A 5 3.26 -0.13 5.89
N PHE A 6 4.51 0.34 5.89
CA PHE A 6 5.51 -0.11 4.95
C PHE A 6 6.87 0.34 5.45
N LEU A 7 7.91 -0.35 5.01
CA LEU A 7 9.27 -0.05 5.39
C LEU A 7 10.16 -0.40 4.23
N ILE A 8 11.06 0.52 3.89
CA ILE A 8 12.02 0.32 2.81
C ILE A 8 13.38 0.82 3.31
N THR A 9 14.27 -0.11 3.67
CA THR A 9 15.58 0.27 4.18
C THR A 9 16.56 0.53 3.04
N LYS A 10 16.28 -0.06 1.89
CA LYS A 10 17.11 0.11 0.73
C LYS A 10 16.23 -0.01 -0.50
N PHE A 11 16.32 0.98 -1.38
CA PHE A 11 15.50 1.03 -2.59
C PHE A 11 16.04 0.15 -3.69
N SER A 12 15.13 -0.37 -4.51
CA SER A 12 15.48 -1.24 -5.62
C SER A 12 15.41 -0.40 -6.91
N PRO A 13 16.11 -0.83 -7.96
CA PRO A 13 16.08 -0.10 -9.24
C PRO A 13 14.67 -0.05 -9.84
N ASP A 14 13.84 -1.03 -9.46
CA ASP A 14 12.47 -1.09 -9.94
C ASP A 14 11.52 -1.14 -8.73
N GLN A 15 11.38 -0.01 -8.04
CA GLN A 15 10.53 0.09 -6.87
C GLN A 15 9.10 0.36 -7.35
N GLN A 16 8.38 -0.71 -7.71
CA GLN A 16 7.03 -0.58 -8.24
C GLN A 16 5.94 -0.09 -7.29
N ASN A 17 6.21 -0.06 -6.00
CA ASN A 17 5.22 0.40 -5.04
C ASN A 17 5.33 1.90 -4.77
N LEU A 18 6.17 2.55 -5.57
CA LEU A 18 6.34 3.99 -5.52
C LEU A 18 5.98 4.59 -6.88
N ILE A 19 5.49 5.83 -6.85
CA ILE A 19 5.15 6.57 -8.06
C ILE A 19 6.17 7.69 -8.22
N PHE A 20 6.85 7.73 -9.36
CA PHE A 20 7.87 8.73 -9.59
C PHE A 20 7.38 9.87 -10.49
N GLN A 21 7.73 11.09 -10.13
CA GLN A 21 7.35 12.25 -10.92
C GLN A 21 8.57 13.16 -11.09
N GLY A 22 8.64 13.86 -12.23
CA GLY A 22 9.77 14.74 -12.49
C GLY A 22 11.07 13.97 -12.63
N ASP A 23 12.10 14.40 -11.91
CA ASP A 23 13.42 13.76 -11.97
C ASP A 23 13.56 12.55 -11.05
N GLY A 24 12.52 12.28 -10.26
CA GLY A 24 12.58 11.18 -9.31
C GLY A 24 12.85 9.80 -9.88
N TYR A 25 13.77 9.08 -9.26
CA TYR A 25 14.08 7.70 -9.64
C TYR A 25 14.96 7.04 -8.58
N THR A 26 15.08 5.72 -8.63
CA THR A 26 15.93 5.02 -7.67
C THR A 26 17.19 4.53 -8.37
N THR A 27 18.28 4.48 -7.60
CA THR A 27 19.57 4.05 -8.11
C THR A 27 20.56 3.91 -6.98
N LYS A 28 21.40 2.90 -7.05
CA LYS A 28 22.43 2.67 -6.03
C LYS A 28 21.80 2.51 -4.65
N GLU A 29 20.63 1.87 -4.61
CA GLU A 29 19.92 1.62 -3.37
C GLU A 29 19.33 2.88 -2.71
N LYS A 30 19.41 4.01 -3.41
CA LYS A 30 18.87 5.26 -2.87
C LYS A 30 17.76 5.85 -3.75
N LEU A 31 16.98 6.74 -3.16
CA LEU A 31 15.92 7.43 -3.88
C LEU A 31 16.40 8.85 -4.18
N THR A 32 16.59 9.14 -5.47
CA THR A 32 17.05 10.44 -5.92
C THR A 32 15.88 11.30 -6.37
N LEU A 33 15.67 12.42 -5.69
CA LEU A 33 14.61 13.35 -6.03
C LEU A 33 15.14 14.35 -7.08
N THR A 34 16.33 14.90 -6.84
CA THR A 34 17.00 15.76 -7.81
C THR A 34 18.50 15.53 -7.74
N LYS A 35 19.17 15.68 -8.88
CA LYS A 35 20.62 15.66 -8.90
C LYS A 35 20.98 17.12 -8.69
N ALA A 36 22.28 17.43 -8.67
CA ALA A 36 22.73 18.80 -8.46
C ALA A 36 22.67 19.61 -9.76
N VAL A 37 21.44 19.95 -10.19
CA VAL A 37 21.22 20.72 -11.41
C VAL A 37 20.21 21.82 -11.12
N LYS A 38 20.18 22.82 -11.98
CA LYS A 38 19.28 23.96 -11.77
C LYS A 38 17.84 23.75 -12.22
N ASN A 39 16.96 24.59 -11.67
CA ASN A 39 15.56 24.62 -12.06
C ASN A 39 14.91 23.27 -12.34
N THR A 40 14.88 22.41 -11.34
CA THR A 40 14.26 21.11 -11.55
C THR A 40 13.43 20.68 -10.36
N VAL A 41 12.63 19.63 -10.56
CA VAL A 41 11.76 19.11 -9.53
C VAL A 41 11.69 17.60 -9.64
N GLY A 42 11.58 16.94 -8.49
CA GLY A 42 11.44 15.51 -8.45
C GLY A 42 10.54 15.16 -7.29
N ARG A 43 9.66 14.19 -7.50
CA ARG A 43 8.77 13.74 -6.43
C ARG A 43 8.63 12.23 -6.43
N ALA A 44 8.32 11.68 -5.26
CA ALA A 44 8.07 10.24 -5.11
C ALA A 44 6.94 10.03 -4.12
N LEU A 45 5.92 9.27 -4.52
CA LEU A 45 4.80 9.02 -3.63
C LEU A 45 4.59 7.53 -3.42
N TYR A 46 4.04 7.18 -2.26
CA TYR A 46 3.68 5.80 -1.99
C TYR A 46 2.46 5.48 -2.87
N SER A 47 2.53 4.33 -3.54
CA SER A 47 1.49 3.87 -4.46
C SER A 47 0.05 3.86 -3.94
N SER A 48 -0.15 3.30 -2.75
CA SER A 48 -1.50 3.15 -2.19
C SER A 48 -2.04 4.39 -1.48
N PRO A 49 -3.27 4.78 -1.81
CA PRO A 49 -3.93 5.88 -1.11
C PRO A 49 -4.05 5.50 0.36
N ILE A 50 -3.98 6.48 1.25
CA ILE A 50 -4.09 6.25 2.70
C ILE A 50 -5.39 6.86 3.23
N HIS A 51 -6.06 6.13 4.13
CA HIS A 51 -7.30 6.61 4.73
C HIS A 51 -6.91 7.37 6.00
N ILE A 52 -6.81 8.69 5.88
CA ILE A 52 -6.35 9.56 6.98
C ILE A 52 -7.45 10.04 7.95
N TRP A 53 -8.69 10.11 7.48
CA TRP A 53 -9.82 10.43 8.37
C TRP A 53 -11.10 9.82 7.84
N ASP A 54 -12.04 9.54 8.74
CA ASP A 54 -13.28 8.87 8.39
C ASP A 54 -14.49 9.79 8.40
N ARG A 55 -15.12 9.93 7.23
CA ARG A 55 -16.30 10.78 7.07
C ARG A 55 -17.43 10.38 8.01
N GLU A 56 -17.74 9.09 8.05
CA GLU A 56 -18.83 8.60 8.89
C GLU A 56 -18.69 8.91 10.39
N THR A 57 -17.56 8.53 10.99
CA THR A 57 -17.33 8.72 12.42
C THR A 57 -16.61 10.00 12.83
N GLY A 58 -15.96 10.68 11.88
CA GLY A 58 -15.21 11.88 12.21
C GLY A 58 -13.87 11.56 12.87
N ASN A 59 -13.50 10.29 12.89
CA ASN A 59 -12.21 9.90 13.46
C ASN A 59 -11.07 10.29 12.53
N VAL A 60 -9.93 10.67 13.12
CA VAL A 60 -8.74 11.02 12.36
C VAL A 60 -7.64 10.05 12.75
N ALA A 61 -6.82 9.68 11.78
CA ALA A 61 -5.74 8.73 12.01
C ALA A 61 -4.53 9.29 12.72
N ASN A 62 -3.90 8.45 13.54
CA ASN A 62 -2.61 8.77 14.12
C ASN A 62 -1.64 8.19 13.11
N PHE A 63 -0.51 8.85 12.90
CA PHE A 63 0.49 8.29 12.00
C PHE A 63 1.87 8.73 12.40
N VAL A 64 2.86 7.96 11.96
CA VAL A 64 4.26 8.29 12.22
C VAL A 64 5.08 7.86 11.02
N THR A 65 5.97 8.75 10.58
CA THR A 65 6.86 8.42 9.49
C THR A 65 8.27 8.75 9.88
N SER A 66 9.22 7.93 9.45
CA SER A 66 10.62 8.20 9.74
C SER A 66 11.42 7.93 8.47
N PHE A 67 12.40 8.76 8.21
CA PHE A 67 13.21 8.59 7.02
C PHE A 67 14.57 9.23 7.18
N THR A 68 15.51 8.82 6.32
CA THR A 68 16.85 9.38 6.35
C THR A 68 17.10 10.03 5.00
N PHE A 69 17.41 11.31 5.00
CA PHE A 69 17.66 12.01 3.74
C PHE A 69 18.99 12.72 3.79
N VAL A 70 19.54 13.00 2.61
CA VAL A 70 20.80 13.70 2.49
C VAL A 70 20.68 14.78 1.44
N ILE A 71 21.28 15.92 1.74
CA ILE A 71 21.36 17.00 0.77
C ILE A 71 22.84 17.18 0.45
N ASN A 72 23.20 17.00 -0.82
CA ASN A 72 24.59 17.18 -1.26
C ASN A 72 24.68 18.42 -2.14
N ALA A 73 25.26 19.50 -1.60
CA ALA A 73 25.41 20.74 -2.35
C ALA A 73 26.86 20.93 -2.77
N PRO A 74 27.11 21.67 -3.86
CA PRO A 74 28.47 21.92 -4.35
C PRO A 74 29.29 22.67 -3.30
N ASN A 75 28.60 23.39 -2.41
CA ASN A 75 29.24 24.10 -1.32
C ASN A 75 28.21 24.42 -0.26
N SER A 76 28.61 25.09 0.81
CA SER A 76 27.70 25.40 1.89
C SER A 76 27.04 26.78 1.80
N TYR A 77 27.43 27.59 0.83
CA TYR A 77 26.84 28.93 0.71
C TYR A 77 25.72 29.04 -0.33
N ASN A 78 25.87 28.33 -1.45
CA ASN A 78 24.82 28.36 -2.48
C ASN A 78 24.00 27.08 -2.56
N VAL A 79 22.99 26.98 -1.71
CA VAL A 79 22.16 25.80 -1.63
C VAL A 79 20.69 26.19 -1.83
N ALA A 80 19.94 25.38 -2.58
CA ALA A 80 18.52 25.62 -2.82
C ALA A 80 17.85 24.41 -3.46
N ASP A 81 16.54 24.23 -3.30
CA ASP A 81 15.66 25.07 -2.52
C ASP A 81 15.28 24.35 -1.23
N GLY A 82 15.15 22.98 -1.44
CA GLY A 82 14.83 22.19 -0.26
C GLY A 82 14.08 20.92 -0.59
N PHE A 83 13.56 20.32 0.48
CA PHE A 83 12.93 19.01 0.45
C PHE A 83 11.73 19.00 1.40
N THR A 84 10.69 18.25 1.05
CA THR A 84 9.53 18.14 1.92
C THR A 84 8.98 16.72 1.98
N PHE A 85 8.25 16.45 3.05
CA PHE A 85 7.46 15.24 3.19
C PHE A 85 6.08 15.88 3.12
N PHE A 86 5.17 15.31 2.34
CA PHE A 86 3.86 15.96 2.21
C PHE A 86 2.71 14.99 2.15
N ILE A 87 1.52 15.52 2.46
CA ILE A 87 0.27 14.78 2.45
C ILE A 87 -0.63 15.58 1.51
N ALA A 88 -1.14 14.94 0.48
CA ALA A 88 -1.94 15.67 -0.51
C ALA A 88 -3.06 14.80 -1.10
N PRO A 89 -3.92 15.38 -1.92
CA PRO A 89 -4.98 14.61 -2.58
C PRO A 89 -4.35 13.44 -3.33
N VAL A 90 -5.13 12.39 -3.52
CA VAL A 90 -4.67 11.17 -4.18
C VAL A 90 -4.02 11.34 -5.55
N ASP A 91 -4.65 12.07 -6.46
CA ASP A 91 -4.12 12.24 -7.81
C ASP A 91 -3.53 13.64 -7.94
N THR A 92 -2.30 13.76 -7.44
CA THR A 92 -1.58 15.03 -7.42
C THR A 92 -0.36 14.99 -8.34
N LYS A 93 -0.12 16.09 -9.04
CA LYS A 93 1.03 16.23 -9.93
C LYS A 93 1.94 17.30 -9.33
N PRO A 94 3.17 17.42 -9.83
CA PRO A 94 4.09 18.43 -9.29
C PRO A 94 3.50 19.84 -9.42
N GLN A 95 3.60 20.63 -8.35
CA GLN A 95 3.11 22.00 -8.36
C GLN A 95 4.27 22.89 -8.75
N THR A 96 4.15 24.19 -8.48
CA THR A 96 5.22 25.13 -8.81
C THR A 96 6.56 24.71 -8.21
N GLY A 97 7.62 24.83 -9.00
CA GLY A 97 8.96 24.48 -8.56
C GLY A 97 9.66 25.58 -7.80
N GLY A 98 11.00 25.54 -7.80
CA GLY A 98 11.82 26.53 -7.11
C GLY A 98 11.51 26.59 -5.62
N GLY A 99 11.37 27.81 -5.11
CA GLY A 99 11.08 28.06 -3.69
C GLY A 99 9.72 27.53 -3.22
N TYR A 100 8.87 27.14 -4.16
CA TYR A 100 7.56 26.57 -3.85
C TYR A 100 7.66 25.07 -3.56
N LEU A 101 8.86 24.52 -3.74
CA LEU A 101 9.16 23.12 -3.41
C LEU A 101 8.31 22.05 -4.05
N GLY A 102 7.67 22.40 -5.16
CA GLY A 102 6.84 21.46 -5.88
C GLY A 102 5.54 21.03 -5.22
N VAL A 103 5.08 21.74 -4.18
CA VAL A 103 3.83 21.36 -3.51
C VAL A 103 2.81 22.49 -3.34
N PHE A 104 3.26 23.74 -3.50
CA PHE A 104 2.37 24.89 -3.36
C PHE A 104 2.51 25.81 -4.57
N ASN A 105 1.57 26.75 -4.73
CA ASN A 105 1.61 27.68 -5.83
C ASN A 105 1.55 29.16 -5.40
N SER A 106 1.46 29.41 -4.10
CA SER A 106 1.42 30.78 -3.60
C SER A 106 1.74 30.86 -2.11
N ALA A 107 1.96 32.08 -1.63
CA ALA A 107 2.25 32.31 -0.23
C ALA A 107 0.97 32.63 0.51
N GLU A 108 -0.14 32.73 -0.22
CA GLU A 108 -1.42 33.00 0.42
C GLU A 108 -2.19 31.70 0.59
N TYR A 109 -2.98 31.63 1.66
CA TYR A 109 -3.77 30.44 1.96
C TYR A 109 -4.74 30.07 0.85
N ASP A 110 -4.53 28.90 0.26
CA ASP A 110 -5.41 28.41 -0.80
C ASP A 110 -6.00 27.08 -0.34
N LYS A 111 -7.27 27.09 0.04
CA LYS A 111 -7.92 25.87 0.53
C LYS A 111 -8.05 24.75 -0.50
N THR A 112 -7.99 25.08 -1.79
CA THR A 112 -8.14 24.05 -2.82
C THR A 112 -6.90 23.15 -2.94
N THR A 113 -5.76 23.63 -2.46
CA THR A 113 -4.51 22.87 -2.51
C THR A 113 -4.60 21.61 -1.64
N GLN A 114 -5.29 21.72 -0.51
CA GLN A 114 -5.54 20.57 0.35
C GLN A 114 -4.25 19.79 0.61
N THR A 115 -3.21 20.51 0.99
CA THR A 115 -1.92 19.88 1.21
C THR A 115 -1.26 20.33 2.49
N VAL A 116 -0.72 19.38 3.23
CA VAL A 116 0.05 19.67 4.42
C VAL A 116 1.48 19.17 4.13
N ALA A 117 2.48 20.00 4.41
CA ALA A 117 3.85 19.57 4.19
C ALA A 117 4.79 20.00 5.28
N VAL A 118 5.84 19.21 5.46
CA VAL A 118 6.90 19.55 6.40
C VAL A 118 8.09 19.86 5.51
N GLU A 119 8.53 21.10 5.55
CA GLU A 119 9.63 21.51 4.70
C GLU A 119 10.96 21.58 5.41
N PHE A 120 12.02 21.36 4.63
CA PHE A 120 13.40 21.49 5.10
C PHE A 120 13.94 22.44 4.05
N ASP A 121 13.78 23.72 4.34
CA ASP A 121 14.07 24.83 3.45
C ASP A 121 15.52 25.33 3.54
N THR A 122 16.25 25.26 2.42
CA THR A 122 17.65 25.67 2.42
C THR A 122 17.92 27.03 1.78
N PHE A 123 16.90 27.66 1.23
CA PHE A 123 17.09 28.94 0.55
C PHE A 123 16.07 29.98 0.98
N TYR A 124 16.59 31.12 1.42
CA TYR A 124 15.78 32.25 1.86
C TYR A 124 15.07 32.98 0.70
N ASN A 125 13.74 32.85 0.64
CA ASN A 125 12.94 33.57 -0.33
C ASN A 125 12.35 34.77 0.41
N ALA A 126 12.83 35.95 0.07
CA ALA A 126 12.43 37.21 0.73
C ALA A 126 10.94 37.44 0.92
N ALA A 127 10.16 37.10 -0.10
CA ALA A 127 8.72 37.32 -0.05
C ALA A 127 7.95 36.63 1.08
N TRP A 128 8.46 35.51 1.59
CA TRP A 128 7.71 34.76 2.60
C TRP A 128 8.51 34.05 3.71
N ASP A 129 9.80 33.80 3.50
CA ASP A 129 10.60 33.09 4.51
C ASP A 129 10.98 33.95 5.71
N PRO A 130 11.32 33.31 6.83
CA PRO A 130 11.72 34.03 8.05
C PRO A 130 12.80 35.07 7.76
N SER A 131 12.56 36.31 8.19
CA SER A 131 13.47 37.43 7.96
C SER A 131 14.92 37.22 8.43
N ASN A 132 15.12 36.32 9.40
CA ASN A 132 16.48 36.03 9.87
C ASN A 132 17.35 35.38 8.79
N ARG A 133 16.72 34.95 7.70
CA ARG A 133 17.41 34.35 6.57
C ARG A 133 18.02 32.97 6.83
N ASP A 134 17.78 32.40 8.00
CA ASP A 134 18.33 31.08 8.31
C ASP A 134 17.62 30.00 7.50
N ARG A 135 18.32 28.89 7.29
CA ARG A 135 17.70 27.70 6.69
C ARG A 135 16.80 27.24 7.82
N HIS A 136 15.73 26.51 7.51
CA HIS A 136 14.79 26.17 8.57
C HIS A 136 13.89 25.01 8.23
N ILE A 137 13.31 24.45 9.28
CA ILE A 137 12.31 23.40 9.16
C ILE A 137 10.99 24.14 9.32
N GLY A 138 9.98 23.75 8.54
CA GLY A 138 8.70 24.43 8.63
C GLY A 138 7.52 23.52 8.42
N ILE A 139 6.38 23.92 8.98
CA ILE A 139 5.14 23.16 8.80
C ILE A 139 4.28 24.05 7.90
N ASP A 140 3.88 23.50 6.75
CA ASP A 140 3.13 24.25 5.76
C ASP A 140 1.72 23.73 5.62
N VAL A 141 0.77 24.64 5.56
CA VAL A 141 -0.64 24.28 5.41
C VAL A 141 -1.30 25.09 4.31
N ASN A 142 -1.48 24.46 3.15
CA ASN A 142 -2.11 25.15 2.01
C ASN A 142 -1.37 26.43 1.62
N SER A 143 -0.09 26.53 1.97
CA SER A 143 0.69 27.73 1.67
C SER A 143 2.19 27.49 1.87
N ILE A 144 3.00 28.17 1.06
CA ILE A 144 4.46 28.07 1.16
C ILE A 144 4.99 28.85 2.37
N LYS A 145 4.14 29.70 2.92
CA LYS A 145 4.51 30.49 4.09
C LYS A 145 4.11 29.69 5.32
N SER A 146 5.10 29.11 6.00
CA SER A 146 4.86 28.22 7.13
C SER A 146 4.07 28.81 8.31
N VAL A 147 3.29 27.97 8.99
CA VAL A 147 2.56 28.41 10.18
C VAL A 147 3.53 28.49 11.35
N ASN A 148 4.62 27.73 11.25
CA ASN A 148 5.67 27.73 12.28
C ASN A 148 6.98 27.22 11.67
N THR A 149 8.11 27.71 12.17
CA THR A 149 9.42 27.31 11.67
C THR A 149 10.41 27.16 12.80
N LYS A 150 11.57 26.60 12.48
CA LYS A 150 12.64 26.39 13.43
C LYS A 150 13.96 26.48 12.67
N SER A 151 14.82 27.42 13.07
CA SER A 151 16.12 27.57 12.43
C SER A 151 16.84 26.24 12.44
N TRP A 152 17.44 25.91 11.31
CA TRP A 152 18.12 24.63 11.16
C TRP A 152 19.46 24.83 10.45
N LYS A 153 20.53 24.33 11.05
CA LYS A 153 21.87 24.42 10.48
C LYS A 153 22.17 23.19 9.63
N LEU A 154 22.24 23.37 8.32
CA LEU A 154 22.46 22.27 7.40
C LEU A 154 23.88 21.69 7.49
N GLN A 155 23.96 20.37 7.56
CA GLN A 155 25.26 19.70 7.52
C GLN A 155 25.36 19.06 6.15
N ASN A 156 26.07 19.73 5.26
CA ASN A 156 26.22 19.27 3.89
C ASN A 156 26.75 17.85 3.79
N GLY A 157 26.04 17.01 3.03
CA GLY A 157 26.44 15.63 2.81
C GLY A 157 26.20 14.65 3.95
N GLU A 158 25.66 15.16 5.06
CA GLU A 158 25.40 14.30 6.23
C GLU A 158 24.02 13.67 6.21
N GLU A 159 23.91 12.50 6.83
CA GLU A 159 22.63 11.81 6.93
C GLU A 159 21.79 12.38 8.06
N ALA A 160 20.60 12.88 7.71
CA ALA A 160 19.69 13.44 8.70
C ALA A 160 18.59 12.43 8.93
N ASN A 161 18.36 12.08 10.20
CA ASN A 161 17.29 11.14 10.54
C ASN A 161 16.07 11.95 10.96
N VAL A 162 14.94 11.70 10.30
CA VAL A 162 13.73 12.45 10.59
C VAL A 162 12.56 11.59 11.09
N VAL A 163 11.88 12.08 12.11
CA VAL A 163 10.66 11.43 12.61
C VAL A 163 9.56 12.49 12.58
N ILE A 164 8.47 12.21 11.87
CA ILE A 164 7.31 13.11 11.85
C ILE A 164 6.11 12.31 12.38
N ALA A 165 5.49 12.79 13.44
CA ALA A 165 4.37 12.08 14.05
C ALA A 165 3.18 12.99 14.24
N PHE A 166 1.98 12.43 14.09
CA PHE A 166 0.73 13.16 14.26
C PHE A 166 -0.13 12.47 15.31
N ASN A 167 -0.53 13.22 16.32
CA ASN A 167 -1.38 12.71 17.39
C ASN A 167 -2.83 13.18 17.18
N ALA A 168 -3.69 12.25 16.76
CA ALA A 168 -5.08 12.56 16.47
C ALA A 168 -5.86 13.09 17.66
N ALA A 169 -5.45 12.73 18.87
CA ALA A 169 -6.15 13.18 20.06
C ALA A 169 -5.99 14.69 20.26
N THR A 170 -4.81 15.22 19.93
CA THR A 170 -4.54 16.63 20.15
C THR A 170 -4.32 17.44 18.88
N ASN A 171 -4.32 16.77 17.72
CA ASN A 171 -4.09 17.44 16.44
C ASN A 171 -2.71 18.07 16.35
N VAL A 172 -1.76 17.52 17.10
CA VAL A 172 -0.40 18.04 17.10
C VAL A 172 0.52 17.28 16.14
N LEU A 173 1.17 18.03 15.26
CA LEU A 173 2.14 17.48 14.32
C LEU A 173 3.54 17.79 14.87
N THR A 174 4.33 16.75 15.12
CA THR A 174 5.69 16.95 15.61
C THR A 174 6.73 16.50 14.61
N VAL A 175 7.78 17.30 14.48
CA VAL A 175 8.87 17.00 13.56
C VAL A 175 10.20 17.05 14.34
N SER A 176 11.06 16.07 14.10
CA SER A 176 12.39 16.07 14.70
C SER A 176 13.43 15.57 13.72
N LEU A 177 14.51 16.31 13.59
CA LEU A 177 15.58 15.98 12.68
C LEU A 177 16.82 15.83 13.54
N THR A 178 17.56 14.74 13.35
CA THR A 178 18.76 14.47 14.14
C THR A 178 19.96 14.14 13.26
N TYR A 179 21.10 14.83 13.50
CA TYR A 179 22.37 14.51 12.84
C TYR A 179 23.19 13.77 13.89
N PRO A 180 23.96 12.75 13.50
CA PRO A 180 24.73 11.99 14.49
C PRO A 180 25.79 12.82 15.20
N ASN A 181 26.32 13.86 14.54
CA ASN A 181 27.29 14.74 15.17
C ASN A 181 26.79 16.18 15.21
N VAL B 1 25.78 14.65 18.28
CA VAL B 1 24.31 14.50 18.10
C VAL B 1 23.66 15.89 18.18
N THR B 2 23.08 16.33 17.08
CA THR B 2 22.42 17.64 17.01
C THR B 2 20.97 17.44 16.58
N SER B 3 20.03 17.83 17.43
CA SER B 3 18.61 17.65 17.15
C SER B 3 17.85 18.97 17.02
N TYR B 4 16.78 18.92 16.24
CA TYR B 4 15.89 20.06 16.01
C TYR B 4 14.48 19.52 16.07
N THR B 5 13.62 20.17 16.86
CA THR B 5 12.22 19.76 16.99
C THR B 5 11.30 20.94 16.74
N LEU B 6 10.12 20.63 16.22
CA LEU B 6 9.13 21.64 15.90
C LEU B 6 7.77 20.98 16.02
N SER B 7 6.82 21.71 16.56
CA SER B 7 5.45 21.20 16.71
C SER B 7 4.43 22.30 16.50
N ASP B 8 3.25 21.90 16.07
CA ASP B 8 2.13 22.81 15.94
C ASP B 8 0.85 22.02 15.79
N VAL B 9 -0.27 22.72 15.90
CA VAL B 9 -1.59 22.11 15.78
C VAL B 9 -2.07 22.26 14.35
N VAL B 10 -2.47 21.14 13.75
CA VAL B 10 -3.00 21.15 12.38
C VAL B 10 -4.27 20.29 12.35
N SER B 11 -5.40 20.92 12.06
CA SER B 11 -6.66 20.19 11.98
C SER B 11 -6.75 19.49 10.63
N LEU B 12 -6.12 18.31 10.54
CA LEU B 12 -6.06 17.53 9.30
C LEU B 12 -7.39 17.40 8.58
N LYS B 13 -8.44 17.08 9.34
CA LYS B 13 -9.76 16.87 8.80
C LYS B 13 -10.33 18.06 8.03
N ASP B 14 -9.87 19.26 8.36
CA ASP B 14 -10.34 20.49 7.72
C ASP B 14 -9.46 20.89 6.55
N VAL B 15 -8.32 20.23 6.40
CA VAL B 15 -7.39 20.60 5.35
C VAL B 15 -7.27 19.59 4.21
N VAL B 16 -7.14 18.31 4.54
CA VAL B 16 -6.94 17.30 3.50
C VAL B 16 -8.17 16.42 3.30
N PRO B 17 -8.23 15.77 2.14
CA PRO B 17 -9.35 14.87 1.83
C PRO B 17 -9.27 13.63 2.71
N GLU B 18 -10.37 12.89 2.76
CA GLU B 18 -10.48 11.68 3.55
C GLU B 18 -9.41 10.67 3.14
N TRP B 19 -9.09 10.64 1.85
CA TRP B 19 -8.07 9.74 1.30
C TRP B 19 -6.96 10.60 0.71
N VAL B 20 -5.72 10.24 1.00
CA VAL B 20 -4.58 11.01 0.52
C VAL B 20 -3.47 10.10 0.04
N ARG B 21 -2.44 10.72 -0.52
CA ARG B 21 -1.21 10.04 -0.89
C ARG B 21 -0.10 10.80 -0.18
N ILE B 22 0.91 10.08 0.29
CA ILE B 22 2.03 10.73 0.97
C ILE B 22 3.27 10.59 0.10
N GLY B 23 4.23 11.49 0.29
CA GLY B 23 5.44 11.43 -0.51
C GLY B 23 6.45 12.49 -0.18
N PHE B 24 7.48 12.57 -1.02
CA PHE B 24 8.54 13.54 -0.87
C PHE B 24 8.62 14.37 -2.13
N SER B 25 9.13 15.58 -1.99
CA SER B 25 9.38 16.48 -3.10
C SER B 25 10.65 17.23 -2.80
N ALA B 26 11.34 17.64 -3.86
CA ALA B 26 12.54 18.44 -3.72
C ALA B 26 12.68 19.23 -5.01
N THR B 27 13.18 20.45 -4.91
CA THR B 27 13.39 21.29 -6.08
C THR B 27 14.70 22.06 -6.00
N THR B 28 15.03 22.68 -7.11
CA THR B 28 16.17 23.58 -7.23
C THR B 28 15.71 24.73 -8.11
N GLY B 29 16.43 25.84 -8.06
CA GLY B 29 16.09 26.99 -8.88
C GLY B 29 17.36 27.53 -9.46
N ALA B 30 17.64 28.81 -9.22
CA ALA B 30 18.88 29.43 -9.70
C ALA B 30 20.06 28.79 -8.96
N GLU B 31 19.81 28.31 -7.74
CA GLU B 31 20.83 27.61 -6.95
C GLU B 31 20.34 26.18 -6.76
N TYR B 32 21.24 25.26 -6.44
CA TYR B 32 20.84 23.86 -6.40
C TYR B 32 21.59 22.97 -5.43
N ALA B 33 21.22 21.70 -5.45
CA ALA B 33 21.80 20.66 -4.61
C ALA B 33 21.13 19.35 -4.97
N ALA B 34 21.80 18.25 -4.63
CA ALA B 34 21.22 16.94 -4.83
C ALA B 34 20.39 16.60 -3.57
N HIS B 35 19.22 16.02 -3.78
CA HIS B 35 18.36 15.61 -2.67
C HIS B 35 18.10 14.13 -2.78
N GLU B 36 18.47 13.39 -1.73
CA GLU B 36 18.31 11.93 -1.71
C GLU B 36 17.69 11.43 -0.42
N VAL B 37 17.01 10.29 -0.52
CA VAL B 37 16.38 9.63 0.62
C VAL B 37 16.98 8.22 0.66
N LEU B 38 17.44 7.79 1.83
CA LEU B 38 18.07 6.49 1.99
C LEU B 38 17.17 5.38 2.55
N SER B 39 16.17 5.77 3.36
CA SER B 39 15.25 4.79 3.94
C SER B 39 13.94 5.48 4.28
N TRP B 40 12.86 4.71 4.41
CA TRP B 40 11.55 5.28 4.70
C TRP B 40 10.59 4.25 5.29
N SER B 41 9.99 4.61 6.42
CA SER B 41 8.97 3.78 7.04
C SER B 41 7.76 4.67 7.32
N PHE B 42 6.58 4.06 7.33
CA PHE B 42 5.36 4.81 7.59
C PHE B 42 4.36 3.90 8.24
N HIS B 43 3.61 4.44 9.19
CA HIS B 43 2.56 3.68 9.85
C HIS B 43 1.42 4.60 10.25
N SER B 44 0.21 4.25 9.85
CA SER B 44 -0.96 5.05 10.21
C SER B 44 -2.04 4.11 10.74
N GLU B 45 -2.81 4.60 11.70
CA GLU B 45 -3.88 3.81 12.30
C GLU B 45 -5.12 4.67 12.45
N LEU B 46 -6.20 4.23 11.79
CA LEU B 46 -7.48 4.92 11.86
C LEU B 46 -8.42 4.00 12.63
N SER B 47 -8.76 4.39 13.85
CA SER B 47 -9.62 3.56 14.69
C SER B 47 -11.10 3.76 14.38
N GLY B 48 -11.94 2.91 14.96
CA GLY B 48 -13.37 2.95 14.75
C GLY B 48 -13.86 1.64 14.17
N THR B 49 -13.34 1.17 13.14
N THR C 1 15.83 -4.39 3.42
CA THR C 1 14.56 -4.94 3.98
C THR C 1 13.36 -4.15 3.48
N GLU C 2 12.34 -4.86 3.00
CA GLU C 2 11.10 -4.24 2.53
C GLU C 2 9.88 -4.97 3.09
N THR C 3 9.05 -4.25 3.85
CA THR C 3 7.82 -4.83 4.36
C THR C 3 6.61 -4.05 3.89
N THR C 4 5.50 -4.75 3.76
CA THR C 4 4.23 -4.14 3.40
C THR C 4 3.18 -4.74 4.34
N SER C 5 2.34 -3.89 4.92
CA SER C 5 1.28 -4.36 5.80
C SER C 5 0.04 -3.50 5.71
N PHE C 6 -1.09 -4.09 6.06
CA PHE C 6 -2.34 -3.36 6.13
C PHE C 6 -3.36 -4.20 6.86
N LEU C 7 -4.35 -3.51 7.41
CA LEU C 7 -5.44 -4.16 8.10
C LEU C 7 -6.71 -3.36 7.82
N ILE C 8 -7.78 -4.05 7.46
CA ILE C 8 -9.06 -3.41 7.20
C ILE C 8 -10.13 -4.27 7.89
N THR C 9 -10.74 -3.76 8.96
CA THR C 9 -11.77 -4.54 9.67
C THR C 9 -13.18 -4.13 9.25
N LYS C 10 -13.26 -2.99 8.59
CA LYS C 10 -14.54 -2.47 8.14
C LYS C 10 -14.29 -1.80 6.80
N PHE C 11 -15.04 -2.22 5.78
CA PHE C 11 -14.90 -1.65 4.44
C PHE C 11 -15.78 -0.42 4.24
N SER C 12 -15.22 0.61 3.61
CA SER C 12 -15.95 1.84 3.33
C SER C 12 -16.58 1.78 1.95
N PRO C 13 -17.66 2.53 1.72
CA PRO C 13 -18.32 2.57 0.40
C PRO C 13 -17.41 2.99 -0.76
N ASP C 14 -16.40 3.79 -0.50
CA ASP C 14 -15.48 4.18 -1.57
C ASP C 14 -14.06 3.84 -1.09
N GLN C 15 -13.76 2.54 -1.06
CA GLN C 15 -12.47 2.07 -0.55
C GLN C 15 -11.39 2.30 -1.61
N GLN C 16 -10.77 3.47 -1.53
CA GLN C 16 -9.77 3.88 -2.52
C GLN C 16 -8.46 3.10 -2.58
N ASN C 17 -8.12 2.33 -1.56
CA ASN C 17 -6.89 1.54 -1.62
C ASN C 17 -7.10 0.15 -2.18
N LEU C 18 -8.26 -0.06 -2.79
CA LEU C 18 -8.58 -1.33 -3.42
C LEU C 18 -8.90 -1.10 -4.90
N ILE C 19 -8.60 -2.09 -5.72
CA ILE C 19 -8.91 -2.04 -7.15
C ILE C 19 -10.01 -3.05 -7.41
N PHE C 20 -11.12 -2.60 -8.01
CA PHE C 20 -12.26 -3.48 -8.27
C PHE C 20 -12.36 -3.88 -9.72
N GLN C 21 -12.73 -5.14 -9.93
CA GLN C 21 -12.89 -5.71 -11.26
C GLN C 21 -14.18 -6.53 -11.27
N GLY C 22 -14.83 -6.62 -12.42
CA GLY C 22 -16.08 -7.34 -12.51
C GLY C 22 -17.12 -6.63 -11.68
N ASP C 23 -17.91 -7.39 -10.91
CA ASP C 23 -18.95 -6.77 -10.09
C ASP C 23 -18.57 -6.50 -8.64
N GLY C 24 -17.26 -6.52 -8.35
CA GLY C 24 -16.81 -6.27 -6.99
C GLY C 24 -17.04 -4.82 -6.57
N TYR C 25 -17.47 -4.63 -5.33
CA TYR C 25 -17.69 -3.31 -4.75
C TYR C 25 -17.92 -3.46 -3.27
N THR C 26 -17.89 -2.35 -2.52
CA THR C 26 -18.11 -2.40 -1.07
C THR C 26 -19.50 -1.90 -0.69
N THR C 27 -20.13 -2.59 0.25
CA THR C 27 -21.46 -2.23 0.75
C THR C 27 -21.65 -2.74 2.17
N LYS C 28 -22.36 -1.98 2.98
CA LYS C 28 -22.62 -2.32 4.40
C LYS C 28 -21.39 -2.81 5.16
N GLU C 29 -20.31 -2.03 5.11
CA GLU C 29 -19.07 -2.37 5.83
C GLU C 29 -18.35 -3.65 5.32
N LYS C 30 -18.87 -4.26 4.26
CA LYS C 30 -18.24 -5.45 3.71
C LYS C 30 -17.89 -5.34 2.24
N LEU C 31 -17.01 -6.24 1.80
CA LEU C 31 -16.55 -6.28 0.44
C LEU C 31 -17.32 -7.37 -0.28
N THR C 32 -18.15 -6.98 -1.25
CA THR C 32 -18.92 -7.96 -2.01
C THR C 32 -18.24 -8.33 -3.33
N LEU C 33 -17.91 -9.60 -3.49
CA LEU C 33 -17.30 -10.05 -4.74
C LEU C 33 -18.40 -10.30 -5.75
N THR C 34 -19.42 -11.05 -5.35
CA THR C 34 -20.60 -11.27 -6.18
C THR C 34 -21.85 -11.34 -5.31
N LYS C 35 -23.00 -11.09 -5.93
CA LYS C 35 -24.27 -11.23 -5.26
C LYS C 35 -24.81 -12.61 -5.67
N ALA C 36 -25.93 -13.01 -5.09
CA ALA C 36 -26.52 -14.30 -5.39
C ALA C 36 -27.19 -14.29 -6.77
N VAL C 37 -26.39 -14.03 -7.80
CA VAL C 37 -26.90 -14.00 -9.17
C VAL C 37 -26.14 -14.99 -10.04
N LYS C 38 -26.66 -15.22 -11.23
CA LYS C 38 -26.07 -16.18 -12.14
C LYS C 38 -24.96 -15.60 -13.02
N ASN C 39 -24.05 -16.48 -13.44
CA ASN C 39 -22.97 -16.13 -14.37
C ASN C 39 -22.30 -14.80 -14.15
N THR C 40 -21.60 -14.64 -13.03
CA THR C 40 -20.93 -13.39 -12.82
C THR C 40 -19.56 -13.57 -12.21
N VAL C 41 -18.79 -12.49 -12.17
CA VAL C 41 -17.45 -12.52 -11.59
C VAL C 41 -17.17 -11.19 -10.91
N GLY C 42 -16.44 -11.24 -9.81
CA GLY C 42 -16.04 -10.06 -9.07
C GLY C 42 -14.68 -10.28 -8.42
N ARG C 43 -13.79 -9.30 -8.56
CA ARG C 43 -12.45 -9.37 -7.98
C ARG C 43 -12.10 -8.05 -7.29
N ALA C 44 -11.22 -8.12 -6.30
CA ALA C 44 -10.77 -6.93 -5.56
C ALA C 44 -9.31 -7.13 -5.22
N LEU C 45 -8.47 -6.17 -5.56
CA LEU C 45 -7.03 -6.27 -5.32
C LEU C 45 -6.55 -5.13 -4.43
N TYR C 46 -5.48 -5.38 -3.68
CA TYR C 46 -4.89 -4.29 -2.90
C TYR C 46 -4.18 -3.42 -3.94
N SER C 47 -4.40 -2.11 -3.90
CA SER C 47 -3.83 -1.24 -4.93
C SER C 47 -2.31 -1.28 -5.09
N SER C 48 -1.60 -1.40 -3.98
CA SER C 48 -0.14 -1.39 -4.05
C SER C 48 0.52 -2.72 -4.44
N PRO C 49 1.44 -2.67 -5.41
CA PRO C 49 2.23 -3.84 -5.79
C PRO C 49 3.06 -4.33 -4.61
N ILE C 50 3.22 -5.65 -4.48
CA ILE C 50 3.96 -6.23 -3.37
C ILE C 50 5.25 -6.85 -3.90
N HIS C 51 6.36 -6.57 -3.23
CA HIS C 51 7.65 -7.12 -3.63
C HIS C 51 7.78 -8.50 -3.00
N ILE C 52 7.46 -9.54 -3.76
CA ILE C 52 7.45 -10.91 -3.28
C ILE C 52 8.83 -11.60 -3.31
N TRP C 53 9.58 -11.38 -4.38
CA TRP C 53 10.93 -11.93 -4.47
C TRP C 53 11.84 -11.00 -5.24
N ASP C 54 13.15 -11.16 -5.03
CA ASP C 54 14.17 -10.31 -5.62
C ASP C 54 15.18 -11.12 -6.43
N ARG C 55 15.29 -10.82 -7.73
CA ARG C 55 16.23 -11.54 -8.59
C ARG C 55 17.69 -11.24 -8.24
N GLU C 56 17.96 -10.01 -7.82
CA GLU C 56 19.32 -9.60 -7.45
C GLU C 56 19.90 -10.47 -6.35
N THR C 57 19.22 -10.50 -5.20
CA THR C 57 19.70 -11.30 -4.07
C THR C 57 19.24 -12.75 -4.18
N GLY C 58 18.07 -12.96 -4.77
CA GLY C 58 17.52 -14.30 -4.87
C GLY C 58 16.60 -14.57 -3.68
N ASN C 59 16.50 -13.60 -2.77
CA ASN C 59 15.63 -13.74 -1.59
C ASN C 59 14.15 -13.74 -1.92
N VAL C 60 13.39 -14.44 -1.10
CA VAL C 60 11.94 -14.55 -1.26
C VAL C 60 11.29 -14.07 0.03
N ALA C 61 10.14 -13.44 -0.10
CA ALA C 61 9.44 -12.91 1.04
C ALA C 61 8.65 -13.92 1.85
N ASN C 62 8.56 -13.67 3.16
CA ASN C 62 7.67 -14.43 4.02
C ASN C 62 6.40 -13.59 4.02
N PHE C 63 5.23 -14.20 4.06
CA PHE C 63 4.01 -13.41 4.16
C PHE C 63 2.90 -14.16 4.86
N VAL C 64 1.99 -13.41 5.46
CA VAL C 64 0.83 -14.00 6.12
C VAL C 64 -0.36 -13.10 5.86
N THR C 65 -1.53 -13.70 5.65
CA THR C 65 -2.75 -12.93 5.46
C THR C 65 -3.91 -13.57 6.19
N SER C 66 -4.76 -12.75 6.79
CA SER C 66 -5.92 -13.24 7.50
C SER C 66 -7.14 -12.51 6.97
N PHE C 67 -8.24 -13.24 6.80
CA PHE C 67 -9.47 -12.61 6.36
C PHE C 67 -10.64 -13.45 6.81
N THR C 68 -11.80 -12.83 6.90
CA THR C 68 -13.04 -13.52 7.26
C THR C 68 -13.97 -13.39 6.07
N PHE C 69 -14.45 -14.52 5.57
CA PHE C 69 -15.35 -14.46 4.43
C PHE C 69 -16.65 -15.20 4.73
N VAL C 70 -17.69 -14.88 3.99
CA VAL C 70 -18.98 -15.50 4.18
C VAL C 70 -19.53 -15.86 2.81
N ILE C 71 -20.10 -17.05 2.71
CA ILE C 71 -20.75 -17.48 1.49
C ILE C 71 -22.23 -17.66 1.83
N ASN C 72 -23.09 -16.88 1.18
CA ASN C 72 -24.51 -16.95 1.42
C ASN C 72 -25.25 -17.42 0.18
N ALA C 73 -25.66 -18.69 0.19
CA ALA C 73 -26.41 -19.27 -0.92
C ALA C 73 -27.88 -19.40 -0.52
N PRO C 74 -28.78 -19.33 -1.49
CA PRO C 74 -30.21 -19.45 -1.21
C PRO C 74 -30.47 -20.84 -0.64
N ASN C 75 -29.76 -21.81 -1.20
CA ASN C 75 -29.89 -23.20 -0.79
C ASN C 75 -28.50 -23.75 -0.47
N SER C 76 -28.39 -24.48 0.64
CA SER C 76 -27.11 -25.02 1.07
C SER C 76 -26.61 -26.17 0.19
N TYR C 77 -27.37 -26.51 -0.85
CA TYR C 77 -27.04 -27.60 -1.75
C TYR C 77 -26.87 -27.14 -3.19
N ASN C 78 -27.39 -25.96 -3.48
CA ASN C 78 -27.27 -25.35 -4.81
C ASN C 78 -26.31 -24.17 -4.76
N VAL C 79 -25.02 -24.47 -4.57
CA VAL C 79 -23.99 -23.45 -4.42
C VAL C 79 -22.91 -23.55 -5.49
N ALA C 80 -22.38 -22.39 -5.90
CA ALA C 80 -21.31 -22.32 -6.91
C ALA C 80 -20.84 -20.88 -7.06
N ASP C 81 -19.59 -20.67 -7.50
CA ASP C 81 -18.62 -21.74 -7.79
C ASP C 81 -17.61 -21.81 -6.64
N GLY C 82 -17.32 -20.51 -6.22
CA GLY C 82 -16.37 -20.48 -5.11
C GLY C 82 -15.66 -19.15 -5.01
N PHE C 83 -14.63 -19.17 -4.16
CA PHE C 83 -13.89 -17.99 -3.79
C PHE C 83 -12.39 -18.32 -3.71
N THR C 84 -11.53 -17.35 -4.05
CA THR C 84 -10.09 -17.54 -3.92
C THR C 84 -9.33 -16.33 -3.41
N PHE C 85 -8.16 -16.58 -2.85
CA PHE C 85 -7.22 -15.53 -2.52
C PHE C 85 -6.13 -15.85 -3.53
N PHE C 86 -5.62 -14.84 -4.23
CA PHE C 86 -4.61 -15.11 -5.25
C PHE C 86 -3.50 -14.08 -5.30
N ILE C 87 -2.39 -14.50 -5.90
CA ILE C 87 -1.19 -13.71 -6.09
C ILE C 87 -0.95 -13.78 -7.59
N ALA C 88 -0.86 -12.62 -8.24
CA ALA C 88 -0.71 -12.57 -9.68
C ALA C 88 0.11 -11.37 -10.13
N PRO C 89 0.43 -11.27 -11.42
CA PRO C 89 1.18 -10.11 -11.92
C PRO C 89 0.45 -8.81 -11.60
N VAL C 90 1.20 -7.71 -11.53
CA VAL C 90 0.64 -6.40 -11.21
C VAL C 90 -0.54 -5.99 -12.10
N ASP C 91 -0.45 -6.33 -13.39
CA ASP C 91 -1.49 -5.98 -14.36
C ASP C 91 -2.59 -7.06 -14.52
N THR C 92 -2.73 -7.93 -13.53
CA THR C 92 -3.72 -9.00 -13.59
C THR C 92 -5.15 -8.52 -13.88
N LYS C 93 -5.85 -9.27 -14.73
CA LYS C 93 -7.24 -8.96 -15.09
C LYS C 93 -8.07 -10.25 -14.95
N PRO C 94 -9.39 -10.14 -14.87
CA PRO C 94 -10.23 -11.34 -14.72
C PRO C 94 -10.01 -12.31 -15.88
N GLN C 95 -9.90 -13.59 -15.54
CA GLN C 95 -9.71 -14.63 -16.55
C GLN C 95 -11.05 -15.31 -16.80
N THR C 96 -11.04 -16.61 -17.05
CA THR C 96 -12.28 -17.32 -17.32
C THR C 96 -13.15 -17.38 -16.06
N GLY C 97 -14.46 -17.32 -16.25
CA GLY C 97 -15.39 -17.35 -15.13
C GLY C 97 -15.85 -18.76 -14.81
N GLY C 98 -17.02 -18.87 -14.18
CA GLY C 98 -17.58 -20.16 -13.83
C GLY C 98 -16.67 -20.95 -12.90
N GLY C 99 -16.47 -22.22 -13.22
CA GLY C 99 -15.62 -23.07 -12.40
C GLY C 99 -14.15 -22.72 -12.42
N TYR C 100 -13.76 -21.79 -13.28
CA TYR C 100 -12.35 -21.35 -13.39
C TYR C 100 -12.04 -20.25 -12.37
N LEU C 101 -13.08 -19.79 -11.69
CA LEU C 101 -12.97 -18.83 -10.59
C LEU C 101 -12.39 -17.45 -10.93
N GLY C 102 -12.36 -17.10 -12.22
CA GLY C 102 -11.85 -15.80 -12.63
C GLY C 102 -10.35 -15.62 -12.51
N VAL C 103 -9.62 -16.71 -12.28
CA VAL C 103 -8.16 -16.63 -12.14
C VAL C 103 -7.36 -17.51 -13.11
N PHE C 104 -8.00 -18.57 -13.62
CA PHE C 104 -7.33 -19.47 -14.53
C PHE C 104 -8.13 -19.64 -15.82
N ASN C 105 -7.49 -20.25 -16.81
CA ASN C 105 -8.12 -20.49 -18.11
C ASN C 105 -8.14 -21.96 -18.51
N SER C 106 -7.40 -22.80 -17.80
CA SER C 106 -7.37 -24.23 -18.13
C SER C 106 -6.99 -25.11 -16.94
N ALA C 107 -7.22 -26.42 -17.10
CA ALA C 107 -6.87 -27.42 -16.12
C ALA C 107 -5.42 -27.81 -16.41
N GLU C 108 -5.02 -27.59 -17.65
CA GLU C 108 -3.66 -27.86 -18.07
C GLU C 108 -2.74 -26.79 -17.48
N TYR C 109 -1.51 -27.17 -17.17
CA TYR C 109 -0.54 -26.24 -16.60
C TYR C 109 -0.14 -25.16 -17.61
N ASP C 110 -0.38 -23.91 -17.25
CA ASP C 110 -0.03 -22.79 -18.12
C ASP C 110 0.90 -21.82 -17.39
N LYS C 111 2.19 -21.92 -17.70
CA LYS C 111 3.21 -21.10 -17.06
C LYS C 111 3.01 -19.60 -17.22
N THR C 112 2.36 -19.19 -18.30
CA THR C 112 2.15 -17.76 -18.55
C THR C 112 1.10 -17.11 -17.64
N THR C 113 0.31 -17.92 -16.94
CA THR C 113 -0.70 -17.35 -16.05
C THR C 113 -0.01 -16.63 -14.90
N GLN C 114 1.12 -17.20 -14.46
CA GLN C 114 1.92 -16.65 -13.38
C GLN C 114 1.07 -16.31 -12.16
N THR C 115 0.19 -17.25 -11.80
CA THR C 115 -0.73 -17.03 -10.69
C THR C 115 -0.79 -18.20 -9.73
N VAL C 116 -0.74 -17.89 -8.44
CA VAL C 116 -0.88 -18.88 -7.40
C VAL C 116 -2.14 -18.48 -6.66
N ALA C 117 -3.01 -19.45 -6.37
CA ALA C 117 -4.26 -19.17 -5.68
C ALA C 117 -4.66 -20.26 -4.71
N VAL C 118 -5.35 -19.86 -3.65
CA VAL C 118 -5.91 -20.80 -2.69
C VAL C 118 -7.41 -20.70 -2.93
N GLU C 119 -8.01 -21.82 -3.33
CA GLU C 119 -9.43 -21.79 -3.65
C GLU C 119 -10.32 -22.39 -2.57
N PHE C 120 -11.54 -21.89 -2.50
CA PHE C 120 -12.58 -22.38 -1.61
C PHE C 120 -13.72 -22.75 -2.57
N ASP C 121 -13.58 -23.95 -3.14
CA ASP C 121 -14.43 -24.49 -4.20
C ASP C 121 -15.70 -25.16 -3.70
N THR C 122 -16.85 -24.62 -4.11
CA THR C 122 -18.14 -25.14 -3.64
C THR C 122 -18.92 -25.94 -4.68
N PHE C 123 -18.37 -26.09 -5.88
CA PHE C 123 -19.07 -26.79 -6.95
C PHE C 123 -18.17 -27.78 -7.66
N TYR C 124 -18.69 -29.00 -7.81
CA TYR C 124 -17.95 -30.10 -8.44
C TYR C 124 -17.93 -30.01 -9.97
N ASN C 125 -16.75 -29.77 -10.54
CA ASN C 125 -16.57 -29.74 -11.99
C ASN C 125 -15.90 -31.06 -12.33
N ALA C 126 -16.65 -31.98 -12.93
CA ALA C 126 -16.16 -33.32 -13.19
C ALA C 126 -14.82 -33.39 -13.92
N ALA C 127 -14.55 -32.41 -14.77
CA ALA C 127 -13.33 -32.42 -15.55
C ALA C 127 -12.01 -32.29 -14.76
N TRP C 128 -12.08 -31.83 -13.50
CA TRP C 128 -10.83 -31.65 -12.75
C TRP C 128 -10.89 -31.73 -11.23
N ASP C 129 -12.07 -31.52 -10.64
CA ASP C 129 -12.22 -31.59 -9.19
C ASP C 129 -12.16 -33.00 -8.61
N PRO C 130 -11.90 -33.13 -7.31
CA PRO C 130 -11.81 -34.43 -6.65
C PRO C 130 -13.06 -35.25 -6.94
N SER C 131 -12.87 -36.51 -7.34
CA SER C 131 -13.96 -37.39 -7.73
C SER C 131 -15.00 -37.68 -6.64
N ASN C 132 -14.66 -37.43 -5.37
CA ASN C 132 -15.61 -37.66 -4.30
C ASN C 132 -16.69 -36.59 -4.26
N ARG C 133 -16.54 -35.59 -5.12
CA ARG C 133 -17.51 -34.50 -5.24
C ARG C 133 -17.60 -33.53 -4.05
N ASP C 134 -16.80 -33.74 -3.02
CA ASP C 134 -16.88 -32.85 -1.86
C ASP C 134 -16.46 -31.44 -2.23
N ARG C 135 -17.01 -30.46 -1.53
CA ARG C 135 -16.57 -29.09 -1.69
C ARG C 135 -15.19 -29.14 -1.01
N HIS C 136 -14.28 -28.25 -1.40
CA HIS C 136 -12.93 -28.37 -0.88
C HIS C 136 -12.08 -27.11 -0.95
N ILE C 137 -11.01 -27.13 -0.16
CA ILE C 137 -10.00 -26.07 -0.15
C ILE C 137 -8.91 -26.64 -1.04
N GLY C 138 -8.33 -25.82 -1.91
CA GLY C 138 -7.25 -26.29 -2.76
C GLY C 138 -6.16 -25.27 -3.04
N ILE C 139 -4.96 -25.76 -3.33
CA ILE C 139 -3.84 -24.88 -3.68
C ILE C 139 -3.63 -25.00 -5.18
N ASP C 140 -3.83 -23.90 -5.90
CA ASP C 140 -3.71 -23.89 -7.37
C ASP C 140 -2.47 -23.14 -7.85
N VAL C 141 -1.72 -23.79 -8.73
CA VAL C 141 -0.49 -23.21 -9.28
C VAL C 141 -0.55 -23.25 -10.80
N ASN C 142 -0.88 -22.12 -11.42
CA ASN C 142 -0.97 -22.00 -12.87
C ASN C 142 -1.97 -22.96 -13.49
N SER C 143 -2.99 -23.34 -12.73
CA SER C 143 -4.00 -24.27 -13.21
C SER C 143 -5.17 -24.38 -12.24
N ILE C 144 -6.35 -24.69 -12.79
CA ILE C 144 -7.56 -24.86 -11.98
C ILE C 144 -7.58 -26.24 -11.32
N LYS C 145 -6.70 -27.11 -11.79
CA LYS C 145 -6.56 -28.46 -11.23
C LYS C 145 -5.58 -28.36 -10.06
N SER C 146 -6.12 -28.33 -8.84
CA SER C 146 -5.35 -28.17 -7.61
C SER C 146 -4.18 -29.13 -7.46
N VAL C 147 -3.10 -28.64 -6.87
CA VAL C 147 -1.90 -29.43 -6.63
C VAL C 147 -2.14 -30.30 -5.39
N ASN C 148 -3.01 -29.84 -4.50
CA ASN C 148 -3.39 -30.56 -3.29
C ASN C 148 -4.74 -30.02 -2.82
N THR C 149 -5.58 -30.88 -2.26
CA THR C 149 -6.88 -30.44 -1.76
C THR C 149 -7.22 -31.05 -0.41
N LYS C 150 -8.23 -30.47 0.24
CA LYS C 150 -8.70 -30.96 1.51
C LYS C 150 -10.21 -30.78 1.50
N SER C 151 -10.95 -31.84 1.83
CA SER C 151 -12.41 -31.78 1.89
C SER C 151 -12.85 -30.77 2.92
N TRP C 152 -13.88 -30.01 2.60
CA TRP C 152 -14.36 -28.98 3.49
C TRP C 152 -15.87 -28.92 3.46
N LYS C 153 -16.47 -28.82 4.64
CA LYS C 153 -17.91 -28.74 4.76
C LYS C 153 -18.36 -27.27 4.87
N LEU C 154 -19.03 -26.79 3.83
CA LEU C 154 -19.51 -25.42 3.80
C LEU C 154 -20.62 -25.17 4.82
N GLN C 155 -20.53 -24.06 5.53
CA GLN C 155 -21.56 -23.67 6.49
C GLN C 155 -22.20 -22.39 5.95
N ASN C 156 -23.30 -22.58 5.22
CA ASN C 156 -24.03 -21.50 4.57
C ASN C 156 -24.31 -20.32 5.49
N GLY C 157 -23.91 -19.13 5.05
CA GLY C 157 -24.14 -17.93 5.83
C GLY C 157 -23.30 -17.73 7.07
N GLU C 158 -22.39 -18.65 7.36
CA GLU C 158 -21.54 -18.53 8.54
C GLU C 158 -20.17 -17.94 8.21
N GLU C 159 -19.65 -17.12 9.14
CA GLU C 159 -18.34 -16.50 8.97
C GLU C 159 -17.20 -17.51 9.12
N ALA C 160 -16.28 -17.48 8.16
CA ALA C 160 -15.13 -18.38 8.19
C ALA C 160 -13.84 -17.57 8.33
N ASN C 161 -13.03 -17.92 9.31
CA ASN C 161 -11.76 -17.24 9.54
C ASN C 161 -10.66 -18.01 8.82
N VAL C 162 -9.93 -17.32 7.93
CA VAL C 162 -8.86 -17.94 7.18
C VAL C 162 -7.50 -17.30 7.44
N VAL C 163 -6.48 -18.15 7.51
CA VAL C 163 -5.11 -17.70 7.66
C VAL C 163 -4.28 -18.43 6.61
N ILE C 164 -3.63 -17.67 5.74
CA ILE C 164 -2.76 -18.27 4.73
C ILE C 164 -1.37 -17.75 4.98
N ALA C 165 -0.40 -18.64 5.14
CA ALA C 165 0.98 -18.24 5.40
C ALA C 165 1.97 -18.91 4.48
N PHE C 166 3.03 -18.20 4.11
CA PHE C 166 4.09 -18.74 3.27
C PHE C 166 5.43 -18.57 3.98
N ASN C 167 6.15 -19.69 4.14
CA ASN C 167 7.46 -19.71 4.78
C ASN C 167 8.52 -19.81 3.70
N ALA C 168 9.30 -18.74 3.52
CA ALA C 168 10.31 -18.68 2.47
C ALA C 168 11.50 -19.61 2.69
N ALA C 169 11.70 -20.02 3.95
CA ALA C 169 12.80 -20.92 4.28
C ALA C 169 12.52 -22.33 3.75
N THR C 170 11.24 -22.70 3.68
CA THR C 170 10.86 -24.04 3.22
C THR C 170 9.98 -24.05 1.97
N ASN C 171 9.56 -22.87 1.52
CA ASN C 171 8.65 -22.74 0.39
C ASN C 171 7.29 -23.39 0.70
N VAL C 172 6.96 -23.46 1.98
CA VAL C 172 5.70 -24.07 2.37
C VAL C 172 4.57 -23.06 2.46
N LEU C 173 3.47 -23.37 1.80
CA LEU C 173 2.28 -22.52 1.84
C LEU C 173 1.25 -23.25 2.69
N THR C 174 0.83 -22.62 3.78
CA THR C 174 -0.16 -23.24 4.64
C THR C 174 -1.46 -22.47 4.65
N VAL C 175 -2.56 -23.22 4.67
CA VAL C 175 -3.88 -22.64 4.69
C VAL C 175 -4.64 -23.24 5.86
N SER C 176 -5.36 -22.40 6.59
CA SER C 176 -6.20 -22.88 7.70
C SER C 176 -7.52 -22.12 7.71
N LEU C 177 -8.61 -22.86 7.87
CA LEU C 177 -9.95 -22.28 7.88
C LEU C 177 -10.68 -22.74 9.14
N THR C 178 -11.39 -21.83 9.77
CA THR C 178 -12.11 -22.13 11.00
C THR C 178 -13.49 -21.48 11.05
N TYR C 179 -14.48 -22.25 11.49
CA TYR C 179 -15.85 -21.78 11.67
C TYR C 179 -16.10 -21.64 13.17
N PRO C 180 -16.89 -20.65 13.57
CA PRO C 180 -17.19 -20.41 14.99
C PRO C 180 -17.60 -21.67 15.74
N ASN C 181 -18.27 -22.60 15.05
CA ASN C 181 -18.67 -23.86 15.67
C ASN C 181 -18.53 -25.06 14.72
N VAL D 1 -16.04 -25.57 17.44
CA VAL D 1 -15.03 -25.12 16.43
C VAL D 1 -14.73 -26.22 15.40
N THR D 2 -14.83 -25.87 14.12
CA THR D 2 -14.50 -26.79 13.04
C THR D 2 -13.36 -26.19 12.22
N SER D 3 -12.20 -26.83 12.27
CA SER D 3 -11.03 -26.33 11.54
C SER D 3 -10.49 -27.28 10.48
N TYR D 4 -10.03 -26.71 9.38
CA TYR D 4 -9.46 -27.48 8.28
C TYR D 4 -8.10 -26.90 7.98
N THR D 5 -7.12 -27.76 7.76
CA THR D 5 -5.78 -27.30 7.44
C THR D 5 -5.24 -27.99 6.20
N LEU D 6 -4.43 -27.27 5.42
CA LEU D 6 -3.85 -27.82 4.21
C LEU D 6 -2.52 -27.14 3.93
N SER D 7 -1.55 -27.90 3.45
CA SER D 7 -0.27 -27.33 3.14
C SER D 7 0.43 -28.04 2.00
N ASP D 8 1.30 -27.32 1.30
CA ASP D 8 2.09 -27.91 0.24
C ASP D 8 3.27 -27.01 -0.09
N VAL D 9 4.26 -27.59 -0.75
CA VAL D 9 5.45 -26.86 -1.15
C VAL D 9 5.21 -26.18 -2.49
N VAL D 10 5.41 -24.88 -2.52
CA VAL D 10 5.24 -24.11 -3.75
C VAL D 10 6.44 -23.19 -3.89
N SER D 11 7.20 -23.35 -4.97
CA SER D 11 8.34 -22.47 -5.18
C SER D 11 7.87 -21.22 -5.91
N LEU D 12 7.42 -20.23 -5.12
CA LEU D 12 6.91 -18.97 -5.63
C LEU D 12 7.82 -18.32 -6.68
N LYS D 13 9.11 -18.31 -6.38
CA LYS D 13 10.12 -17.72 -7.24
C LYS D 13 10.04 -18.17 -8.70
N ASP D 14 9.60 -19.40 -8.94
CA ASP D 14 9.51 -19.95 -10.29
C ASP D 14 8.14 -19.74 -10.92
N VAL D 15 7.17 -19.28 -10.14
CA VAL D 15 5.81 -19.13 -10.64
C VAL D 15 5.35 -17.69 -10.85
N VAL D 16 5.55 -16.83 -9.86
CA VAL D 16 5.10 -15.43 -9.96
C VAL D 16 6.25 -14.47 -10.23
N PRO D 17 5.93 -13.27 -10.74
CA PRO D 17 6.95 -12.24 -10.98
C PRO D 17 7.50 -11.70 -9.66
N GLU D 18 8.55 -10.89 -9.72
CA GLU D 18 9.14 -10.31 -8.52
C GLU D 18 8.13 -9.40 -7.84
N TRP D 19 7.38 -8.67 -8.64
CA TRP D 19 6.34 -7.77 -8.14
C TRP D 19 4.95 -8.33 -8.48
N VAL D 20 4.06 -8.34 -7.50
CA VAL D 20 2.73 -8.88 -7.71
C VAL D 20 1.68 -8.01 -7.03
N ARG D 21 0.42 -8.32 -7.34
CA ARG D 21 -0.71 -7.71 -6.63
C ARG D 21 -1.45 -8.90 -6.04
N ILE D 22 -2.05 -8.71 -4.87
CA ILE D 22 -2.78 -9.79 -4.22
C ILE D 22 -4.24 -9.39 -4.18
N GLY D 23 -5.13 -10.37 -4.04
CA GLY D 23 -6.54 -10.04 -3.98
C GLY D 23 -7.44 -11.25 -3.85
N PHE D 24 -8.71 -11.02 -4.06
CA PHE D 24 -9.72 -12.08 -3.99
C PHE D 24 -10.47 -12.14 -5.32
N SER D 25 -11.04 -13.31 -5.59
CA SER D 25 -11.84 -13.48 -6.78
C SER D 25 -13.01 -14.39 -6.41
N ALA D 26 -14.14 -14.22 -7.08
CA ALA D 26 -15.30 -15.09 -6.86
C ALA D 26 -16.14 -15.11 -8.13
N THR D 27 -16.77 -16.26 -8.41
CA THR D 27 -17.63 -16.39 -9.59
C THR D 27 -18.83 -17.28 -9.29
N THR D 28 -19.84 -17.16 -10.15
CA THR D 28 -21.02 -18.02 -10.11
C THR D 28 -21.23 -18.52 -11.54
N GLY D 29 -22.04 -19.54 -11.71
CA GLY D 29 -22.33 -20.08 -13.03
C GLY D 29 -23.81 -20.37 -13.08
N ALA D 30 -24.17 -21.59 -13.48
CA ALA D 30 -25.57 -22.02 -13.51
C ALA D 30 -26.11 -21.95 -12.08
N GLU D 31 -25.26 -22.28 -11.11
CA GLU D 31 -25.64 -22.19 -9.70
C GLU D 31 -24.88 -20.98 -9.12
N TYR D 32 -25.33 -20.47 -7.98
CA TYR D 32 -24.74 -19.24 -7.48
C TYR D 32 -24.80 -19.07 -5.97
N ALA D 33 -24.24 -17.95 -5.53
CA ALA D 33 -24.18 -17.58 -4.12
C ALA D 33 -23.46 -16.24 -4.02
N ALA D 34 -23.77 -15.49 -2.97
CA ALA D 34 -23.09 -14.24 -2.72
C ALA D 34 -21.78 -14.57 -2.01
N HIS D 35 -20.70 -13.91 -2.42
CA HIS D 35 -19.39 -14.11 -1.80
C HIS D 35 -18.98 -12.78 -1.19
N GLU D 36 -18.74 -12.78 0.12
CA GLU D 36 -18.41 -11.54 0.83
C GLU D 36 -17.20 -11.70 1.74
N VAL D 37 -16.45 -10.60 1.89
CA VAL D 37 -15.29 -10.54 2.77
C VAL D 37 -15.58 -9.45 3.80
N LEU D 38 -15.45 -9.80 5.08
CA LEU D 38 -15.75 -8.85 6.15
C LEU D 38 -14.53 -8.18 6.76
N SER D 39 -13.37 -8.82 6.63
CA SER D 39 -12.14 -8.31 7.21
C SER D 39 -10.93 -8.81 6.41
N TRP D 40 -9.83 -8.06 6.41
CA TRP D 40 -8.63 -8.48 5.69
C TRP D 40 -7.35 -7.83 6.22
N SER D 41 -6.38 -8.66 6.59
CA SER D 41 -5.08 -8.13 7.00
C SER D 41 -3.99 -8.83 6.19
N PHE D 42 -2.89 -8.13 5.97
CA PHE D 42 -1.79 -8.71 5.21
C PHE D 42 -0.45 -8.17 5.70
N HIS D 43 0.57 -9.03 5.66
CA HIS D 43 1.91 -8.62 6.03
C HIS D 43 2.94 -9.44 5.28
N SER D 44 3.87 -8.76 4.62
CA SER D 44 4.96 -9.44 3.93
C SER D 44 6.29 -8.82 4.33
N GLU D 45 7.34 -9.64 4.36
CA GLU D 45 8.69 -9.16 4.68
C GLU D 45 9.70 -9.80 3.75
N LEU D 46 10.45 -8.96 3.03
CA LEU D 46 11.48 -9.41 2.12
C LEU D 46 12.81 -8.92 2.71
N SER D 47 13.65 -9.87 3.10
CA SER D 47 14.94 -9.55 3.71
C SER D 47 15.93 -9.04 2.68
N GLY D 48 16.69 -8.02 3.06
CA GLY D 48 17.68 -7.40 2.18
C GLY D 48 18.46 -6.31 2.90
N THR D 49 19.32 -5.63 2.30
#